data_3F9B
#
_entry.id   3F9B
#
_cell.length_a   54.196
_cell.length_b   58.191
_cell.length_c   90.347
_cell.angle_alpha   90.000
_cell.angle_beta   90.000
_cell.angle_gamma   90.000
#
_symmetry.space_group_name_H-M   'P 21 21 21'
#
loop_
_entity.id
_entity.type
_entity.pdbx_description
1 polymer 'Tyrosine-protein phosphatase yopH'
2 non-polymer 'VANADATE ION'
3 non-polymer 'Divanadate ion'
4 non-polymer GLYCEROL
5 water water
#
_entity_poly.entity_id   1
_entity_poly.type   'polypeptide(L)'
_entity_poly.pdbx_seq_one_letter_code
;MRERPHTSGHHGAGEARATAPSTVSPYGPEARAELSSRLTTLRNTLAPATNDPRYLQACGGEKLNRFRDIQCRRQTAVRA
DLNANYIQVGNTRTIACQYPLQSQLESHFRMLAENRTPVLAVLASSSEIANQRFGMPDYFRQSGTYGSITVESKMTQQVG
LGDGIMADMYTLTIREAGQKTISVPVVHVGNFPDQTAVSSEVTKALASLVDQTAETKRNMYESKGSSAVADDSKLRPVIH
CRAGVGRTAQLIGAMCMNDSRNSQLSVEDMVSQMRVQRNGIMVQKDEQLDVLIKLAEGQGRPLLNS
;
_entity_poly.pdbx_strand_id   A
#
# COMPACT_ATOMS: atom_id res chain seq x y z
N SER A 25 -23.78 -13.91 16.43
CA SER A 25 -23.31 -12.81 17.33
C SER A 25 -21.96 -12.19 16.92
N PRO A 26 -20.91 -13.02 16.70
CA PRO A 26 -19.57 -12.48 16.41
C PRO A 26 -19.48 -11.64 15.13
N TYR A 27 -20.32 -11.96 14.14
CA TYR A 27 -20.32 -11.24 12.87
C TYR A 27 -21.68 -10.60 12.58
N GLY A 28 -22.51 -10.51 13.61
CA GLY A 28 -23.84 -9.90 13.49
C GLY A 28 -23.78 -8.39 13.39
N PRO A 29 -24.94 -7.75 13.11
CA PRO A 29 -24.97 -6.29 12.95
C PRO A 29 -24.52 -5.51 14.20
N GLU A 30 -24.74 -6.07 15.39
CA GLU A 30 -24.34 -5.43 16.63
C GLU A 30 -22.81 -5.36 16.74
N ALA A 31 -22.15 -6.48 16.47
CA ALA A 31 -20.69 -6.54 16.46
C ALA A 31 -20.10 -5.61 15.41
N ARG A 32 -20.72 -5.58 14.23
CA ARG A 32 -20.25 -4.72 13.14
C ARG A 32 -20.41 -3.24 13.46
N ALA A 33 -21.54 -2.88 14.08
CA ALA A 33 -21.78 -1.50 14.54
C ALA A 33 -20.76 -1.08 15.60
N GLU A 34 -20.42 -2.00 16.51
CA GLU A 34 -19.45 -1.72 17.56
C GLU A 34 -18.05 -1.51 16.97
N LEU A 35 -17.68 -2.34 15.99
CA LEU A 35 -16.42 -2.18 15.28
C LEU A 35 -16.34 -0.80 14.63
N SER A 36 -17.39 -0.42 13.91
CA SER A 36 -17.44 0.88 13.25
C SER A 36 -17.36 2.04 14.25
N SER A 37 -18.03 1.90 15.39
CA SER A 37 -17.98 2.89 16.45
C SER A 37 -16.55 3.09 16.98
N ARG A 38 -15.87 2.00 17.28
CA ARG A 38 -14.50 2.07 17.76
C ARG A 38 -13.60 2.74 16.72
N LEU A 39 -13.75 2.34 15.46
CA LEU A 39 -12.91 2.88 14.40
C LEU A 39 -13.18 4.35 14.12
N THR A 40 -14.44 4.76 14.26
CA THR A 40 -14.82 6.16 14.06
C THR A 40 -14.19 7.05 15.11
N THR A 41 -14.24 6.61 16.37
CA THR A 41 -13.57 7.33 17.45
C THR A 41 -12.09 7.53 17.15
N LEU A 42 -11.44 6.46 16.68
CA LEU A 42 -10.01 6.51 16.35
C LEU A 42 -9.71 7.50 15.23
N ARG A 43 -10.52 7.47 14.16
CA ARG A 43 -10.36 8.43 13.07
C ARG A 43 -10.40 9.86 13.59
N ASN A 44 -11.36 10.16 14.47
CA ASN A 44 -11.48 11.49 15.06
C ASN A 44 -10.26 11.91 15.88
N THR A 45 -9.79 11.00 16.73
CA THR A 45 -8.61 11.24 17.54
C THR A 45 -7.37 11.55 16.68
N LEU A 46 -7.27 10.85 15.54
CA LEU A 46 -6.11 10.94 14.67
C LEU A 46 -6.21 12.05 13.61
N ALA A 47 -7.33 12.77 13.60
CA ALA A 47 -7.51 13.86 12.65
C ALA A 47 -6.40 14.89 12.86
N PRO A 48 -5.75 15.33 11.76
CA PRO A 48 -4.59 16.20 11.93
C PRO A 48 -4.96 17.63 12.33
N ALA A 49 -4.22 18.16 13.29
CA ALA A 49 -4.32 19.57 13.66
C ALA A 49 -3.39 20.38 12.75
N THR A 50 -3.49 21.71 12.83
CA THR A 50 -2.57 22.58 12.12
C THR A 50 -1.16 22.34 12.66
N ASN A 51 -0.22 22.08 11.76
CA ASN A 51 1.18 21.79 12.12
C ASN A 51 1.30 20.68 13.18
N ASP A 52 0.51 19.63 12.99
CA ASP A 52 0.40 18.52 13.93
C ASP A 52 1.76 17.80 14.08
N PRO A 53 2.28 17.71 15.32
CA PRO A 53 3.56 17.02 15.55
C PRO A 53 3.51 15.52 15.18
N ARG A 54 2.32 14.97 15.06
CA ARG A 54 2.17 13.55 14.70
C ARG A 54 2.33 13.31 13.20
N TYR A 55 2.25 14.37 12.40
CA TYR A 55 2.24 14.23 10.95
C TYR A 55 3.39 14.96 10.26
N LEU A 56 3.84 14.38 9.16
CA LEU A 56 4.92 14.94 8.36
C LEU A 56 4.51 16.25 7.73
N GLN A 57 5.37 17.26 7.88
CA GLN A 57 5.18 18.59 7.29
C GLN A 57 6.24 18.80 6.21
N ALA A 58 5.88 19.54 5.16
CA ALA A 58 6.79 19.85 4.05
C ALA A 58 8.09 20.51 4.51
N CYS A 59 9.22 20.14 3.88
CA CYS A 59 10.55 20.48 4.40
C CYS A 59 11.56 21.20 3.47
N GLY A 60 11.14 22.04 2.53
CA GLY A 60 9.76 22.45 2.29
C GLY A 60 9.74 23.46 1.16
N GLY A 61 8.62 23.60 0.51
CA GLY A 61 8.54 24.42 -0.67
C GLY A 61 7.72 23.64 -1.65
N GLU A 62 7.93 22.33 -1.74
CA GLU A 62 7.19 21.57 -2.72
C GLU A 62 5.94 21.02 -2.04
N LYS A 63 4.90 20.82 -2.83
CA LYS A 63 3.75 20.13 -2.27
C LYS A 63 4.16 18.74 -1.78
N LEU A 64 3.70 18.37 -0.60
CA LEU A 64 3.99 17.05 -0.04
C LEU A 64 2.78 16.13 -0.20
N ASN A 65 1.63 16.59 0.28
CA ASN A 65 0.41 15.78 0.29
C ASN A 65 -0.41 16.00 -0.96
N ARG A 66 -0.75 14.90 -1.64
CA ARG A 66 -1.61 14.96 -2.81
C ARG A 66 -3.00 15.49 -2.44
N PHE A 67 -3.46 15.11 -1.25
CA PHE A 67 -4.73 15.57 -0.69
C PHE A 67 -4.46 16.18 0.68
N ARG A 68 -4.93 17.41 0.90
CA ARG A 68 -4.56 18.15 2.12
C ARG A 68 -5.01 17.47 3.42
N ASP A 69 -6.08 16.69 3.35
CA ASP A 69 -6.65 16.00 4.52
C ASP A 69 -6.12 14.58 4.71
N ILE A 70 -5.24 14.12 3.83
CA ILE A 70 -4.69 12.78 3.90
C ILE A 70 -3.18 12.84 4.16
N GLN A 71 -2.82 12.75 5.43
CA GLN A 71 -1.45 13.06 5.86
C GLN A 71 -0.64 11.83 6.23
N CYS A 72 0.65 12.04 6.43
CA CYS A 72 1.61 10.95 6.60
C CYS A 72 2.13 10.97 8.03
N ARG A 73 1.85 9.93 8.80
CA ARG A 73 2.36 9.83 10.18
C ARG A 73 3.86 10.03 10.19
N ARG A 74 4.33 10.97 11.00
CA ARG A 74 5.75 11.35 11.00
C ARG A 74 6.68 10.24 11.47
N GLN A 75 6.31 9.56 12.56
CA GLN A 75 7.23 8.59 13.16
C GLN A 75 7.44 7.32 12.33
N THR A 76 6.53 7.07 11.39
CA THR A 76 6.63 5.92 10.50
C THR A 76 6.90 6.33 9.05
N ALA A 77 7.18 7.61 8.83
CA ALA A 77 7.43 8.11 7.48
C ALA A 77 8.68 7.48 6.89
N VAL A 78 8.61 7.13 5.60
CA VAL A 78 9.74 6.49 4.93
C VAL A 78 10.81 7.52 4.50
N ARG A 79 10.35 8.63 3.92
CA ARG A 79 11.23 9.71 3.47
C ARG A 79 10.59 11.07 3.77
N ALA A 80 11.41 12.06 4.08
CA ALA A 80 10.94 13.38 4.49
C ALA A 80 10.14 14.13 3.42
N ASP A 81 10.30 13.72 2.16
CA ASP A 81 9.63 14.40 1.05
C ASP A 81 8.63 13.52 0.32
N LEU A 82 8.20 12.44 0.98
CA LEU A 82 7.16 11.57 0.44
C LEU A 82 6.03 11.38 1.44
N ASN A 83 4.82 11.21 0.92
CA ASN A 83 3.69 10.78 1.72
C ASN A 83 3.65 9.25 1.61
N ALA A 84 4.29 8.60 2.58
CA ALA A 84 4.56 7.15 2.54
C ALA A 84 4.89 6.69 3.93
N ASN A 85 4.35 5.55 4.34
CA ASN A 85 4.53 5.06 5.71
C ASN A 85 4.88 3.60 5.79
N TYR A 86 5.82 3.29 6.67
CA TYR A 86 6.01 1.92 7.11
C TYR A 86 4.78 1.48 7.91
N ILE A 87 4.24 0.32 7.58
CA ILE A 87 3.11 -0.22 8.33
C ILE A 87 3.39 -1.66 8.70
N GLN A 88 3.15 -2.00 9.97
CA GLN A 88 3.17 -3.39 10.40
C GLN A 88 1.82 -3.75 10.99
N VAL A 89 1.15 -4.72 10.39
CA VAL A 89 -0.14 -5.21 10.86
C VAL A 89 0.08 -6.63 11.36
N GLY A 90 0.01 -6.82 12.67
CA GLY A 90 0.46 -8.07 13.28
C GLY A 90 1.94 -8.24 13.01
N ASN A 91 2.27 -9.21 12.17
CA ASN A 91 3.65 -9.48 11.76
C ASN A 91 3.96 -8.98 10.35
N THR A 92 2.95 -8.53 9.63
CA THR A 92 3.08 -8.25 8.20
C THR A 92 3.57 -6.83 7.98
N ARG A 93 4.73 -6.70 7.31
CA ARG A 93 5.38 -5.40 7.12
C ARG A 93 5.25 -4.95 5.66
N THR A 94 4.73 -3.74 5.47
CA THR A 94 4.56 -3.14 4.14
C THR A 94 4.90 -1.66 4.19
N ILE A 95 4.83 -1.02 3.03
CA ILE A 95 4.82 0.43 2.92
C ILE A 95 3.54 0.80 2.17
N ALA A 96 2.78 1.74 2.73
CA ALA A 96 1.62 2.31 2.05
C ALA A 96 1.93 3.75 1.72
N CYS A 97 1.63 4.18 0.49
CA CYS A 97 1.93 5.56 0.09
C CYS A 97 0.84 6.13 -0.81
N GLN A 98 0.91 7.44 -1.03
CA GLN A 98 0.08 8.06 -2.05
C GLN A 98 0.74 7.83 -3.43
N TYR A 99 -0.05 8.03 -4.48
CA TYR A 99 0.52 8.05 -5.82
C TYR A 99 1.50 9.23 -5.85
N PRO A 100 2.77 8.98 -6.19
CA PRO A 100 3.73 10.09 -6.12
C PRO A 100 3.37 11.24 -7.07
N LEU A 101 3.62 12.47 -6.60
CA LEU A 101 3.48 13.64 -7.45
C LEU A 101 4.65 13.66 -8.43
N GLN A 102 4.49 14.38 -9.55
CA GLN A 102 5.56 14.52 -10.54
C GLN A 102 6.88 14.93 -9.88
N SER A 103 6.82 15.91 -8.98
CA SER A 103 8.03 16.42 -8.31
C SER A 103 8.67 15.42 -7.36
N GLN A 104 7.93 14.35 -7.05
CA GLN A 104 8.38 13.35 -6.07
C GLN A 104 8.99 12.10 -6.70
N LEU A 105 9.03 12.04 -8.03
CA LEU A 105 9.41 10.79 -8.69
C LEU A 105 10.82 10.30 -8.38
N GLU A 106 11.80 11.19 -8.40
CA GLU A 106 13.16 10.76 -8.08
C GLU A 106 13.23 10.18 -6.66
N SER A 107 12.62 10.85 -5.70
CA SER A 107 12.59 10.37 -4.32
C SER A 107 11.85 9.03 -4.20
N HIS A 108 10.73 8.93 -4.90
CA HIS A 108 9.93 7.71 -4.93
C HIS A 108 10.76 6.54 -5.46
N PHE A 109 11.46 6.74 -6.58
CA PHE A 109 12.32 5.69 -7.12
C PHE A 109 13.46 5.32 -6.18
N ARG A 110 14.05 6.32 -5.53
CA ARG A 110 15.09 6.02 -4.55
C ARG A 110 14.53 5.20 -3.39
N MET A 111 13.32 5.54 -2.93
CA MET A 111 12.64 4.72 -1.91
C MET A 111 12.50 3.28 -2.39
N LEU A 112 12.00 3.11 -3.61
CA LEU A 112 11.78 1.76 -4.15
C LEU A 112 13.08 0.97 -4.21
N ALA A 113 14.15 1.63 -4.65
CA ALA A 113 15.44 0.97 -4.78
C ALA A 113 16.06 0.62 -3.42
N GLU A 114 16.07 1.58 -2.50
CA GLU A 114 16.70 1.36 -1.20
C GLU A 114 15.99 0.28 -0.39
N ASN A 115 14.68 0.15 -0.60
CA ASN A 115 13.84 -0.84 0.05
C ASN A 115 14.03 -2.24 -0.55
N ARG A 116 14.77 -2.34 -1.66
CA ARG A 116 14.89 -3.61 -2.40
C ARG A 116 13.47 -4.17 -2.60
N THR A 117 12.58 -3.31 -3.07
CA THR A 117 11.13 -3.57 -3.10
C THR A 117 10.82 -4.88 -3.80
N PRO A 118 10.23 -5.86 -3.08
CA PRO A 118 9.93 -7.15 -3.70
C PRO A 118 8.66 -7.16 -4.56
N VAL A 119 7.80 -6.16 -4.36
CA VAL A 119 6.65 -5.93 -5.23
C VAL A 119 6.11 -4.52 -4.99
N LEU A 120 5.74 -3.87 -6.08
CA LEU A 120 5.03 -2.60 -6.06
C LEU A 120 3.65 -2.87 -6.62
N ALA A 121 2.63 -2.65 -5.80
CA ALA A 121 1.25 -2.89 -6.22
C ALA A 121 0.57 -1.55 -6.42
N VAL A 122 0.18 -1.28 -7.67
CA VAL A 122 -0.49 -0.02 -8.02
C VAL A 122 -1.95 -0.33 -8.30
N LEU A 123 -2.81 0.28 -7.49
CA LEU A 123 -4.25 -0.01 -7.54
C LEU A 123 -5.07 1.12 -8.16
N ALA A 124 -4.39 2.17 -8.60
CA ALA A 124 -5.02 3.22 -9.41
C ALA A 124 -5.20 2.66 -10.82
N SER A 125 -6.38 2.85 -11.40
CA SER A 125 -6.68 2.30 -12.72
C SER A 125 -6.01 3.10 -13.84
N SER A 126 -5.95 2.50 -15.02
CA SER A 126 -5.47 3.19 -16.21
C SER A 126 -6.28 4.46 -16.50
N SER A 127 -7.59 4.40 -16.29
CA SER A 127 -8.46 5.56 -16.48
C SER A 127 -8.08 6.72 -15.57
N GLU A 128 -7.80 6.40 -14.31
CA GLU A 128 -7.38 7.41 -13.33
C GLU A 128 -6.04 8.02 -13.73
N ILE A 129 -5.07 7.18 -14.07
CA ILE A 129 -3.76 7.64 -14.50
C ILE A 129 -3.83 8.52 -15.77
N ALA A 130 -4.70 8.15 -16.70
CA ALA A 130 -4.86 8.88 -17.97
C ALA A 130 -5.54 10.24 -17.79
N ASN A 131 -6.22 10.44 -16.68
CA ASN A 131 -6.88 11.71 -16.41
C ASN A 131 -5.85 12.73 -15.94
N GLN A 132 -5.44 13.60 -16.85
CA GLN A 132 -4.31 14.51 -16.59
C GLN A 132 -4.61 15.57 -15.53
N ARG A 133 -5.89 15.75 -15.22
CA ARG A 133 -6.33 16.63 -14.14
C ARG A 133 -5.94 16.06 -12.78
N PHE A 134 -5.73 14.74 -12.71
CA PHE A 134 -5.35 14.08 -11.46
C PHE A 134 -3.86 14.16 -11.15
N GLY A 135 -3.04 14.54 -12.14
CA GLY A 135 -1.60 14.68 -11.94
C GLY A 135 -0.93 13.43 -11.42
N MET A 136 -1.24 12.29 -12.04
CA MET A 136 -0.65 11.01 -11.68
C MET A 136 0.28 10.56 -12.80
N PRO A 137 1.60 10.76 -12.64
CA PRO A 137 2.53 10.40 -13.71
C PRO A 137 2.54 8.89 -14.00
N ASP A 138 2.66 8.56 -15.28
CA ASP A 138 2.64 7.16 -15.74
C ASP A 138 4.05 6.58 -15.56
N TYR A 139 4.49 6.48 -14.32
CA TYR A 139 5.89 6.27 -13.99
C TYR A 139 6.39 4.84 -14.07
N PHE A 140 5.47 3.88 -14.16
CA PHE A 140 5.88 2.47 -14.13
C PHE A 140 5.63 1.74 -15.45
N ARG A 141 4.88 2.35 -16.36
CA ARG A 141 4.61 1.74 -17.66
C ARG A 141 5.48 2.33 -18.76
N GLN A 142 6.17 3.40 -18.43
CA GLN A 142 7.09 4.07 -19.34
C GLN A 142 8.50 4.13 -18.74
N SER A 143 9.49 4.21 -19.60
CA SER A 143 10.85 4.41 -19.15
C SER A 143 11.11 5.91 -19.05
N GLY A 144 12.13 6.29 -18.28
CA GLY A 144 12.48 7.70 -18.16
C GLY A 144 13.67 7.97 -17.26
N THR A 145 14.08 9.24 -17.22
CA THR A 145 15.14 9.69 -16.34
C THR A 145 14.60 10.81 -15.43
N TYR A 146 14.89 10.69 -14.14
CA TYR A 146 14.32 11.55 -13.11
C TYR A 146 15.49 11.98 -12.24
N GLY A 147 15.96 13.21 -12.46
CA GLY A 147 17.19 13.65 -11.82
C GLY A 147 18.32 12.70 -12.17
N SER A 148 18.91 12.09 -11.14
CA SER A 148 20.03 11.17 -11.33
C SER A 148 19.63 9.73 -11.62
N ILE A 149 18.33 9.44 -11.57
CA ILE A 149 17.84 8.06 -11.67
C ILE A 149 17.25 7.76 -13.04
N THR A 150 17.71 6.67 -13.65
CA THR A 150 17.17 6.20 -14.92
C THR A 150 16.37 4.92 -14.68
N VAL A 151 15.18 4.88 -15.26
CA VAL A 151 14.26 3.77 -15.02
C VAL A 151 13.85 3.15 -16.36
N GLU A 152 13.92 1.82 -16.42
CA GLU A 152 13.50 1.07 -17.59
C GLU A 152 12.31 0.19 -17.21
N SER A 153 11.21 0.35 -17.95
CA SER A 153 10.02 -0.46 -17.74
C SER A 153 9.91 -1.55 -18.80
N LYS A 154 9.61 -2.77 -18.36
CA LYS A 154 9.38 -3.91 -19.25
C LYS A 154 8.07 -4.59 -18.86
N MET A 155 7.28 -4.97 -19.87
CA MET A 155 6.05 -5.71 -19.62
C MET A 155 6.34 -7.18 -19.35
N THR A 156 5.67 -7.74 -18.35
CA THR A 156 5.78 -9.17 -18.09
C THR A 156 4.42 -9.85 -18.23
N GLN A 157 4.00 -10.62 -17.24
CA GLN A 157 2.77 -11.41 -17.36
C GLN A 157 1.50 -10.60 -17.08
N GLN A 158 0.35 -11.21 -17.38
CA GLN A 158 -0.96 -10.66 -17.03
C GLN A 158 -1.72 -11.77 -16.33
N VAL A 159 -2.29 -11.45 -15.17
CA VAL A 159 -3.01 -12.44 -14.34
C VAL A 159 -4.43 -11.95 -14.07
N GLY A 160 -5.42 -12.75 -14.48
CA GLY A 160 -6.82 -12.46 -14.17
C GLY A 160 -7.11 -12.67 -12.69
N LEU A 161 -7.91 -11.78 -12.11
CA LEU A 161 -8.20 -11.80 -10.68
C LEU A 161 -9.65 -12.18 -10.37
N GLY A 162 -10.46 -12.33 -11.41
CA GLY A 162 -11.89 -12.58 -11.25
C GLY A 162 -12.69 -11.35 -11.64
N ASP A 163 -13.96 -11.55 -12.02
CA ASP A 163 -14.86 -10.46 -12.41
C ASP A 163 -14.33 -9.60 -13.56
N GLY A 164 -13.47 -10.19 -14.39
CA GLY A 164 -12.86 -9.48 -15.51
C GLY A 164 -11.72 -8.55 -15.11
N ILE A 165 -11.42 -8.50 -13.81
CA ILE A 165 -10.36 -7.63 -13.30
C ILE A 165 -9.00 -8.24 -13.62
N MET A 166 -8.10 -7.42 -14.16
CA MET A 166 -6.82 -7.91 -14.67
C MET A 166 -5.63 -7.22 -14.02
N ALA A 167 -4.67 -8.03 -13.56
CA ALA A 167 -3.40 -7.50 -13.07
C ALA A 167 -2.37 -7.55 -14.19
N ASP A 168 -1.89 -6.38 -14.61
CA ASP A 168 -0.82 -6.29 -15.59
C ASP A 168 0.48 -6.15 -14.85
N MET A 169 1.46 -6.97 -15.20
CA MET A 169 2.73 -6.94 -14.49
C MET A 169 3.86 -6.35 -15.31
N TYR A 170 4.80 -5.74 -14.59
CA TYR A 170 5.96 -5.09 -15.19
C TYR A 170 7.19 -5.36 -14.34
N THR A 171 8.36 -5.08 -14.89
CA THR A 171 9.55 -4.92 -14.06
C THR A 171 10.10 -3.53 -14.29
N LEU A 172 10.47 -2.86 -13.21
CA LEU A 172 11.12 -1.56 -13.26
C LEU A 172 12.57 -1.71 -12.88
N THR A 173 13.47 -1.39 -13.79
CA THR A 173 14.89 -1.45 -13.50
C THR A 173 15.36 -0.03 -13.19
N ILE A 174 15.86 0.16 -11.99
CA ILE A 174 16.20 1.48 -11.45
C ILE A 174 17.71 1.59 -11.33
N ARG A 175 18.28 2.52 -12.10
CA ARG A 175 19.73 2.70 -12.17
C ARG A 175 20.14 4.10 -11.75
N GLU A 176 21.24 4.19 -11.01
CA GLU A 176 21.74 5.45 -10.51
C GLU A 176 23.21 5.27 -10.17
N ALA A 177 24.06 6.18 -10.67
CA ALA A 177 25.49 6.10 -10.39
C ALA A 177 25.72 6.14 -8.89
N GLY A 178 26.56 5.24 -8.40
CA GLY A 178 26.84 5.15 -6.97
C GLY A 178 25.89 4.27 -6.19
N GLN A 179 24.85 3.76 -6.87
CA GLN A 179 23.86 2.88 -6.26
C GLN A 179 23.83 1.54 -6.99
N LYS A 180 23.61 0.44 -6.28
CA LYS A 180 23.37 -0.84 -6.93
C LYS A 180 22.03 -0.78 -7.68
N THR A 181 22.02 -1.32 -8.88
CA THR A 181 20.85 -1.38 -9.75
C THR A 181 19.83 -2.35 -9.14
N ILE A 182 18.58 -1.92 -9.11
CA ILE A 182 17.50 -2.69 -8.49
C ILE A 182 16.37 -2.86 -9.48
N SER A 183 15.87 -4.10 -9.61
CA SER A 183 14.69 -4.36 -10.42
C SER A 183 13.51 -4.64 -9.50
N VAL A 184 12.39 -3.96 -9.77
CA VAL A 184 11.20 -4.05 -8.93
C VAL A 184 10.03 -4.65 -9.73
N PRO A 185 9.47 -5.78 -9.27
CA PRO A 185 8.25 -6.30 -9.90
C PRO A 185 7.07 -5.38 -9.59
N VAL A 186 6.24 -5.12 -10.60
CA VAL A 186 5.06 -4.27 -10.44
C VAL A 186 3.80 -5.07 -10.76
N VAL A 187 2.80 -4.95 -9.89
CA VAL A 187 1.47 -5.50 -10.15
C VAL A 187 0.52 -4.32 -10.29
N HIS A 188 0.01 -4.10 -11.50
CA HIS A 188 -0.90 -2.98 -11.75
C HIS A 188 -2.29 -3.47 -12.06
N VAL A 189 -3.26 -3.11 -11.23
CA VAL A 189 -4.64 -3.47 -11.52
C VAL A 189 -5.23 -2.40 -12.42
N GLY A 190 -4.98 -2.53 -13.71
CA GLY A 190 -5.27 -1.51 -14.70
C GLY A 190 -6.73 -1.17 -14.86
N ASN A 191 -7.60 -2.15 -14.64
CA ASN A 191 -9.03 -1.92 -14.74
C ASN A 191 -9.72 -2.04 -13.39
N PHE A 192 -9.04 -1.60 -12.34
CA PHE A 192 -9.67 -1.51 -11.03
C PHE A 192 -10.93 -0.66 -11.17
N PRO A 193 -12.04 -1.16 -10.63
CA PRO A 193 -13.31 -0.43 -10.70
C PRO A 193 -13.33 0.76 -9.75
N ASP A 194 -12.86 1.91 -10.22
CA ASP A 194 -12.43 2.99 -9.33
C ASP A 194 -13.64 3.75 -8.78
N GLN A 195 -14.83 3.31 -9.15
CA GLN A 195 -16.07 3.85 -8.57
C GLN A 195 -16.54 3.01 -7.39
N THR A 196 -16.09 1.76 -7.34
CA THR A 196 -16.69 0.76 -6.48
C THR A 196 -15.64 -0.15 -5.86
N ALA A 197 -16.03 -0.88 -4.82
CA ALA A 197 -15.13 -1.83 -4.17
C ALA A 197 -15.07 -3.14 -4.92
N VAL A 198 -13.89 -3.74 -4.99
CA VAL A 198 -13.74 -5.11 -5.48
C VAL A 198 -14.14 -6.11 -4.39
N SER A 199 -14.68 -7.24 -4.84
CA SER A 199 -15.18 -8.29 -3.96
C SER A 199 -14.08 -8.93 -3.12
N SER A 200 -14.50 -9.67 -2.09
CA SER A 200 -13.56 -10.45 -1.30
C SER A 200 -12.79 -11.45 -2.15
N GLU A 201 -13.45 -12.03 -3.15
CA GLU A 201 -12.80 -13.03 -4.02
C GLU A 201 -11.68 -12.40 -4.86
N VAL A 202 -11.96 -11.25 -5.44
CA VAL A 202 -10.93 -10.50 -6.20
C VAL A 202 -9.80 -10.03 -5.25
N THR A 203 -10.18 -9.56 -4.06
CA THR A 203 -9.19 -9.11 -3.08
C THR A 203 -8.26 -10.25 -2.67
N LYS A 204 -8.83 -11.42 -2.44
CA LYS A 204 -8.05 -12.61 -2.09
C LYS A 204 -7.07 -12.96 -3.22
N ALA A 205 -7.55 -12.95 -4.46
CA ALA A 205 -6.71 -13.26 -5.61
C ALA A 205 -5.58 -12.25 -5.75
N LEU A 206 -5.91 -10.97 -5.55
CA LEU A 206 -4.89 -9.93 -5.61
C LEU A 206 -3.85 -10.07 -4.48
N ALA A 207 -4.30 -10.31 -3.25
CA ALA A 207 -3.39 -10.51 -2.14
C ALA A 207 -2.46 -11.68 -2.40
N SER A 208 -3.02 -12.77 -2.94
CA SER A 208 -2.21 -13.95 -3.26
C SER A 208 -1.14 -13.64 -4.32
N LEU A 209 -1.55 -12.94 -5.38
CA LEU A 209 -0.60 -12.53 -6.42
C LEU A 209 0.50 -11.63 -5.89
N VAL A 210 0.12 -10.62 -5.11
CA VAL A 210 1.09 -9.67 -4.58
C VAL A 210 2.06 -10.40 -3.63
N ASP A 211 1.52 -11.24 -2.74
CA ASP A 211 2.35 -12.01 -1.81
C ASP A 211 3.30 -12.94 -2.54
N GLN A 212 2.79 -13.67 -3.54
CA GLN A 212 3.59 -14.61 -4.30
C GLN A 212 4.71 -13.90 -5.05
N THR A 213 4.40 -12.78 -5.67
CA THR A 213 5.38 -11.99 -6.40
C THR A 213 6.48 -11.55 -5.44
N ALA A 214 6.09 -11.09 -4.26
CA ALA A 214 7.06 -10.64 -3.25
C ALA A 214 7.93 -11.80 -2.76
N GLU A 215 7.32 -12.97 -2.56
CA GLU A 215 8.07 -14.13 -2.08
C GLU A 215 9.16 -14.54 -3.07
N THR A 216 8.81 -14.55 -4.36
CA THR A 216 9.77 -14.93 -5.40
C THR A 216 10.96 -13.97 -5.42
N LYS A 217 10.68 -12.68 -5.37
CA LYS A 217 11.73 -11.67 -5.40
C LYS A 217 12.58 -11.67 -4.12
N ARG A 218 11.93 -11.77 -2.96
CA ARG A 218 12.64 -11.87 -1.69
C ARG A 218 13.58 -13.06 -1.67
N ASN A 219 13.11 -14.20 -2.18
CA ASN A 219 13.95 -15.38 -2.28
C ASN A 219 15.23 -15.13 -3.09
N MET A 220 15.10 -14.38 -4.18
CA MET A 220 16.27 -14.03 -4.99
C MET A 220 17.30 -13.29 -4.14
N TYR A 221 16.85 -12.27 -3.39
CA TYR A 221 17.74 -11.53 -2.50
C TYR A 221 18.38 -12.42 -1.43
N GLU A 222 17.59 -13.33 -0.85
CA GLU A 222 18.10 -14.30 0.13
C GLU A 222 19.19 -15.17 -0.49
N SER A 223 18.95 -15.62 -1.73
CA SER A 223 19.90 -16.50 -2.43
C SER A 223 21.23 -15.80 -2.74
N LYS A 224 21.16 -14.48 -2.93
CA LYS A 224 22.35 -13.67 -3.22
C LYS A 224 23.06 -13.20 -1.95
N GLY A 225 22.45 -13.45 -0.79
CA GLY A 225 23.00 -13.04 0.50
C GLY A 225 22.89 -11.55 0.78
N SER A 226 21.81 -10.93 0.31
CA SER A 226 21.58 -9.50 0.52
C SER A 226 21.47 -9.16 2.00
N SER A 227 22.08 -8.05 2.41
CA SER A 227 22.00 -7.59 3.79
C SER A 227 20.62 -7.05 4.15
N ALA A 228 19.82 -6.75 3.13
CA ALA A 228 18.46 -6.24 3.30
C ALA A 228 17.52 -7.23 4.02
N VAL A 229 17.87 -8.51 4.00
CA VAL A 229 17.05 -9.55 4.64
C VAL A 229 16.99 -9.42 6.17
N ALA A 230 18.01 -8.80 6.75
CA ALA A 230 18.10 -8.63 8.20
C ALA A 230 17.65 -7.25 8.68
N ASP A 231 17.14 -6.44 7.74
CA ASP A 231 16.75 -5.07 8.03
C ASP A 231 15.22 -4.93 8.02
N ASP A 232 14.66 -4.56 9.17
CA ASP A 232 13.21 -4.41 9.37
C ASP A 232 12.56 -3.42 8.40
N SER A 233 13.32 -2.41 8.00
CA SER A 233 12.82 -1.34 7.15
C SER A 233 12.81 -1.70 5.67
N LYS A 234 13.41 -2.84 5.31
CA LYS A 234 13.58 -3.20 3.90
C LYS A 234 12.81 -4.45 3.48
N LEU A 235 12.76 -4.69 2.17
CA LEU A 235 12.06 -5.83 1.57
C LEU A 235 10.56 -5.79 1.81
N ARG A 236 10.01 -4.59 1.92
CA ARG A 236 8.58 -4.41 2.15
C ARG A 236 7.82 -4.22 0.84
N PRO A 237 6.72 -4.97 0.66
CA PRO A 237 5.81 -4.63 -0.44
C PRO A 237 5.39 -3.15 -0.34
N VAL A 238 5.34 -2.46 -1.47
CA VAL A 238 4.90 -1.07 -1.52
C VAL A 238 3.56 -1.04 -2.24
N ILE A 239 2.55 -0.46 -1.60
CA ILE A 239 1.18 -0.46 -2.13
C ILE A 239 0.65 0.97 -2.20
N HIS A 240 0.11 1.34 -3.36
CA HIS A 240 -0.61 2.60 -3.47
C HIS A 240 -1.74 2.59 -4.47
N CYS A 241 -2.75 3.42 -4.21
CA CYS A 241 -3.78 3.76 -5.19
C CYS A 241 -3.54 5.23 -5.52
N ARG A 242 -4.54 6.10 -5.37
CA ARG A 242 -4.32 7.55 -5.52
C ARG A 242 -3.87 8.15 -4.19
N ALA A 243 -4.65 7.92 -3.14
CA ALA A 243 -4.39 8.49 -1.82
C ALA A 243 -3.66 7.53 -0.89
N GLY A 244 -3.75 6.22 -1.19
CA GLY A 244 -3.10 5.21 -0.36
C GLY A 244 -3.79 4.95 0.96
N VAL A 245 -5.12 5.09 0.98
CA VAL A 245 -5.91 4.87 2.20
C VAL A 245 -7.14 3.98 2.02
N GLY A 246 -7.55 3.74 0.78
CA GLY A 246 -8.79 3.02 0.53
C GLY A 246 -8.53 1.62 0.01
N ARG A 247 -8.46 1.51 -1.32
CA ARG A 247 -8.08 0.25 -1.96
C ARG A 247 -6.80 -0.30 -1.37
N THR A 248 -5.85 0.60 -1.09
CA THR A 248 -4.57 0.23 -0.50
C THR A 248 -4.75 -0.49 0.82
N ALA A 249 -5.59 0.07 1.69
CA ALA A 249 -5.83 -0.49 3.01
C ALA A 249 -6.59 -1.82 2.96
N GLN A 250 -7.52 -1.92 2.02
CA GLN A 250 -8.25 -3.16 1.79
C GLN A 250 -7.27 -4.28 1.41
N LEU A 251 -6.34 -3.97 0.51
CA LEU A 251 -5.34 -4.97 0.11
C LEU A 251 -4.42 -5.34 1.27
N ILE A 252 -3.93 -4.35 2.01
CA ILE A 252 -3.05 -4.62 3.14
C ILE A 252 -3.74 -5.52 4.17
N GLY A 253 -5.01 -5.25 4.46
CA GLY A 253 -5.79 -6.09 5.37
C GLY A 253 -5.86 -7.52 4.87
N ALA A 254 -6.13 -7.69 3.57
CA ALA A 254 -6.20 -9.03 3.00
C ALA A 254 -4.85 -9.75 3.05
N MET A 255 -3.77 -9.01 2.81
CA MET A 255 -2.43 -9.59 2.88
C MET A 255 -2.10 -10.06 4.29
N CYS A 256 -2.48 -9.26 5.29
CA CYS A 256 -2.18 -9.68 6.65
C CYS A 256 -2.97 -10.94 7.04
N MET A 257 -4.17 -11.13 6.48
CA MET A 257 -4.96 -12.34 6.75
C MET A 257 -4.39 -13.58 6.05
N ASN A 258 -3.58 -13.35 5.01
CA ASN A 258 -2.86 -14.41 4.30
C ASN A 258 -1.60 -14.88 5.03
N ASP A 259 -1.17 -14.12 6.02
CA ASP A 259 0.10 -14.34 6.70
C ASP A 259 -0.08 -15.36 7.82
N SER A 260 0.62 -16.49 7.70
CA SER A 260 0.54 -17.60 8.64
C SER A 260 0.84 -17.22 10.10
N ARG A 261 1.50 -16.07 10.28
CA ARG A 261 1.93 -15.64 11.61
C ARG A 261 0.87 -14.82 12.37
N ASN A 262 -0.24 -14.48 11.71
CA ASN A 262 -1.20 -13.53 12.28
C ASN A 262 -2.47 -14.13 12.90
N SER A 263 -2.38 -15.37 13.37
CA SER A 263 -3.52 -15.98 14.07
C SER A 263 -4.00 -15.10 15.20
N GLN A 264 -5.32 -14.95 15.30
CA GLN A 264 -6.00 -14.21 16.37
C GLN A 264 -5.92 -12.69 16.29
N LEU A 265 -5.24 -12.17 15.27
CA LEU A 265 -5.23 -10.73 15.04
C LEU A 265 -6.63 -10.34 14.57
N SER A 266 -7.28 -9.43 15.28
CA SER A 266 -8.66 -9.05 14.96
C SER A 266 -8.74 -7.99 13.87
N VAL A 267 -9.92 -7.81 13.29
CA VAL A 267 -10.13 -6.72 12.33
C VAL A 267 -9.94 -5.37 13.03
N GLU A 268 -10.43 -5.24 14.27
CA GLU A 268 -10.18 -4.04 15.06
C GLU A 268 -8.68 -3.74 15.16
N ASP A 269 -7.89 -4.76 15.49
CA ASP A 269 -6.42 -4.63 15.54
C ASP A 269 -5.85 -4.14 14.21
N MET A 270 -6.23 -4.82 13.13
CA MET A 270 -5.66 -4.52 11.81
C MET A 270 -5.89 -3.07 11.43
N VAL A 271 -7.14 -2.63 11.56
CA VAL A 271 -7.50 -1.30 11.09
C VAL A 271 -6.92 -0.24 12.02
N SER A 272 -6.95 -0.50 13.34
CA SER A 272 -6.35 0.45 14.28
C SER A 272 -4.85 0.61 14.03
N GLN A 273 -4.19 -0.49 13.69
CA GLN A 273 -2.76 -0.46 13.39
C GLN A 273 -2.46 0.32 12.11
N MET A 274 -3.24 0.10 11.06
CA MET A 274 -3.06 0.89 9.85
C MET A 274 -3.28 2.38 10.11
N ARG A 275 -4.28 2.70 10.93
CA ARG A 275 -4.61 4.10 11.20
C ARG A 275 -3.56 4.83 12.04
N VAL A 276 -3.07 4.20 13.09
CA VAL A 276 -2.05 4.81 13.95
C VAL A 276 -0.72 4.96 13.20
N GLN A 277 -0.49 4.09 12.21
CA GLN A 277 0.80 4.07 11.51
C GLN A 277 0.83 4.83 10.19
N ARG A 278 -0.34 5.30 9.73
CA ARG A 278 -0.38 6.11 8.52
C ARG A 278 -1.26 7.33 8.74
N ASN A 279 -2.57 7.13 8.81
CA ASN A 279 -3.50 8.19 9.19
C ASN A 279 -4.87 7.60 9.49
N GLY A 280 -5.76 8.42 10.04
CA GLY A 280 -7.05 7.95 10.51
C GLY A 280 -8.05 7.55 9.46
N ILE A 281 -7.68 7.73 8.18
CA ILE A 281 -8.55 7.44 7.05
C ILE A 281 -8.39 6.02 6.52
N MET A 282 -7.32 5.33 6.93
CA MET A 282 -7.04 3.98 6.43
C MET A 282 -8.26 3.07 6.54
N VAL A 283 -8.61 2.45 5.41
CA VAL A 283 -9.92 1.81 5.18
C VAL A 283 -10.96 2.92 5.18
N GLN A 284 -10.99 3.63 4.05
CA GLN A 284 -11.70 4.90 3.92
C GLN A 284 -13.20 4.74 3.86
N LYS A 285 -13.66 3.66 3.25
CA LYS A 285 -15.08 3.48 2.94
C LYS A 285 -15.65 2.26 3.66
N ASP A 286 -16.91 2.35 4.06
CA ASP A 286 -17.61 1.24 4.70
C ASP A 286 -17.60 -0.01 3.82
N GLU A 287 -17.65 0.22 2.50
CA GLU A 287 -17.62 -0.84 1.49
C GLU A 287 -16.34 -1.67 1.58
N GLN A 288 -15.23 -0.99 1.87
CA GLN A 288 -13.94 -1.65 2.03
C GLN A 288 -13.86 -2.44 3.35
N LEU A 289 -14.38 -1.86 4.42
CA LEU A 289 -14.45 -2.57 5.69
C LEU A 289 -15.33 -3.82 5.57
N ASP A 290 -16.42 -3.74 4.82
CA ASP A 290 -17.27 -4.91 4.56
C ASP A 290 -16.48 -6.09 4.01
N VAL A 291 -15.55 -5.82 3.11
CA VAL A 291 -14.74 -6.88 2.49
C VAL A 291 -13.82 -7.52 3.52
N LEU A 292 -13.19 -6.68 4.35
CA LEU A 292 -12.32 -7.19 5.40
C LEU A 292 -13.12 -8.06 6.38
N ILE A 293 -14.33 -7.61 6.72
CA ILE A 293 -15.19 -8.38 7.61
C ILE A 293 -15.53 -9.75 7.02
N LYS A 294 -15.87 -9.77 5.74
CA LYS A 294 -16.18 -11.02 5.05
C LYS A 294 -14.98 -11.98 5.02
N LEU A 295 -13.80 -11.45 4.73
CA LEU A 295 -12.59 -12.25 4.74
C LEU A 295 -12.32 -12.83 6.13
N ALA A 296 -12.47 -12.00 7.17
CA ALA A 296 -12.26 -12.43 8.54
C ALA A 296 -13.27 -13.52 8.92
N GLU A 297 -14.53 -13.32 8.56
CA GLU A 297 -15.57 -14.29 8.85
C GLU A 297 -15.25 -15.64 8.22
N GLY A 298 -14.75 -15.63 6.99
CA GLY A 298 -14.35 -16.86 6.30
C GLY A 298 -13.27 -17.65 7.01
N GLN A 299 -12.48 -16.97 7.83
CA GLN A 299 -11.37 -17.58 8.57
C GLN A 299 -11.71 -17.85 10.04
N GLY A 300 -12.88 -17.41 10.48
CA GLY A 300 -13.22 -17.47 11.90
C GLY A 300 -12.36 -16.53 12.75
N ARG A 301 -11.88 -15.48 12.09
CA ARG A 301 -11.03 -14.47 12.71
C ARG A 301 -11.92 -13.46 13.44
N PRO A 302 -11.55 -13.03 14.65
CA PRO A 302 -12.42 -12.10 15.38
C PRO A 302 -12.51 -10.71 14.74
N LEU A 303 -13.67 -10.06 14.88
CA LEU A 303 -13.82 -8.67 14.46
C LEU A 303 -13.34 -7.71 15.55
N LEU A 304 -13.69 -8.03 16.80
CA LEU A 304 -13.46 -7.14 17.94
C LEU A 304 -12.47 -7.74 18.92
N ASN A 305 -11.82 -6.86 19.68
CA ASN A 305 -11.02 -7.27 20.81
C ASN A 305 -11.84 -7.45 22.07
N SER A 306 -11.55 -8.55 22.77
CA SER A 306 -12.05 -8.88 24.12
C SER A 306 -13.28 -9.79 24.12
#